data_1WNN
#
_entry.id   1WNN
#
_entity_poly.entity_id   1
_entity_poly.type   'polypeptide(L)'
_entity_poly.pdbx_seq_one_letter_code
;ETPAQRQARLLRMSAYAAKRQAS
;
_entity_poly.pdbx_strand_id   A
#
# COMPACT_ATOMS: atom_id res chain seq x y z
N GLU A 1 -1.06 -13.20 -9.38
CA GLU A 1 -0.31 -12.01 -8.89
C GLU A 1 1.16 -12.33 -8.72
N THR A 2 2.02 -11.37 -9.08
CA THR A 2 3.46 -11.55 -8.98
C THR A 2 4.02 -10.75 -7.79
N PRO A 3 5.13 -11.21 -7.21
CA PRO A 3 5.76 -10.53 -6.06
C PRO A 3 5.91 -9.03 -6.29
N ALA A 4 6.21 -8.64 -7.52
CA ALA A 4 6.37 -7.24 -7.86
C ALA A 4 5.05 -6.48 -7.70
N GLN A 5 3.98 -7.07 -8.19
CA GLN A 5 2.65 -6.46 -8.10
C GLN A 5 2.22 -6.36 -6.63
N ARG A 6 2.37 -7.47 -5.91
CA ARG A 6 1.99 -7.51 -4.51
C ARG A 6 2.71 -6.42 -3.72
N GLN A 7 4.04 -6.48 -3.70
CA GLN A 7 4.84 -5.50 -3.00
C GLN A 7 4.42 -4.08 -3.35
N ALA A 8 4.10 -3.88 -4.62
CA ALA A 8 3.65 -2.57 -5.09
C ALA A 8 2.40 -2.13 -4.37
N ARG A 9 1.47 -3.07 -4.19
CA ARG A 9 0.22 -2.80 -3.50
C ARG A 9 0.49 -2.41 -2.04
N LEU A 10 1.40 -3.14 -1.41
CA LEU A 10 1.76 -2.88 -0.02
C LEU A 10 2.31 -1.46 0.13
N LEU A 11 3.09 -1.04 -0.85
CA LEU A 11 3.69 0.30 -0.84
C LEU A 11 2.62 1.37 -0.97
N ARG A 12 1.71 1.19 -1.92
CA ARG A 12 0.63 2.14 -2.16
C ARG A 12 -0.35 2.14 -0.99
N MET A 13 -0.76 0.94 -0.58
CA MET A 13 -1.71 0.80 0.53
C MET A 13 -1.18 1.50 1.78
N SER A 14 -0.01 1.07 2.24
CA SER A 14 0.61 1.66 3.42
C SER A 14 0.91 3.13 3.18
N ALA A 15 1.20 3.48 1.94
CA ALA A 15 1.51 4.85 1.57
C ALA A 15 0.37 5.79 1.96
N TYR A 16 -0.78 5.59 1.33
CA TYR A 16 -1.95 6.41 1.60
C TYR A 16 -2.43 6.22 3.04
N ALA A 17 -2.24 5.01 3.55
CA ALA A 17 -2.64 4.68 4.91
C ALA A 17 -1.88 5.53 5.93
N ALA A 18 -0.56 5.42 5.91
CA ALA A 18 0.29 6.17 6.82
C ALA A 18 0.10 7.68 6.63
N LYS A 19 -0.09 8.08 5.38
CA LYS A 19 -0.28 9.49 5.06
C LYS A 19 -1.53 10.03 5.73
N ARG A 20 -2.66 9.35 5.53
CA ARG A 20 -3.93 9.77 6.12
C ARG A 20 -4.71 8.57 6.62
N GLN A 21 -5.52 8.78 7.65
CA GLN A 21 -6.33 7.71 8.22
C GLN A 21 -7.75 8.18 8.49
N ALA A 22 -8.72 7.30 8.23
CA ALA A 22 -10.13 7.64 8.44
C ALA A 22 -10.40 7.97 9.90
N SER A 23 -9.64 7.35 10.80
CA SER A 23 -9.80 7.58 12.23
C SER A 23 -11.19 7.18 12.69
N GLU A 1 0.37 -13.01 -10.87
CA GLU A 1 0.94 -11.82 -10.18
C GLU A 1 2.46 -11.91 -10.10
N THR A 2 3.12 -10.77 -10.19
CA THR A 2 4.58 -10.72 -10.14
C THR A 2 5.05 -10.10 -8.82
N PRO A 3 6.32 -10.34 -8.44
CA PRO A 3 6.89 -9.81 -7.21
C PRO A 3 6.69 -8.30 -7.08
N ALA A 4 6.94 -7.58 -8.17
CA ALA A 4 6.79 -6.12 -8.17
C ALA A 4 5.35 -5.72 -7.86
N GLN A 5 4.41 -6.41 -8.50
CA GLN A 5 2.98 -6.12 -8.28
C GLN A 5 2.61 -6.29 -6.82
N ARG A 6 3.04 -7.40 -6.22
CA ARG A 6 2.75 -7.69 -4.83
C ARG A 6 3.32 -6.59 -3.93
N GLN A 7 4.60 -6.32 -4.07
CA GLN A 7 5.26 -5.28 -3.27
C GLN A 7 4.62 -3.93 -3.52
N ALA A 8 4.18 -3.71 -4.76
CA ALA A 8 3.56 -2.45 -5.14
C ALA A 8 2.30 -2.21 -4.30
N ARG A 9 1.41 -3.19 -4.29
CA ARG A 9 0.17 -3.10 -3.53
C ARG A 9 0.48 -2.99 -2.04
N LEU A 10 1.57 -3.61 -1.62
CA LEU A 10 1.99 -3.58 -0.22
C LEU A 10 2.29 -2.15 0.22
N LEU A 11 3.06 -1.44 -0.59
CA LEU A 11 3.42 -0.06 -0.30
C LEU A 11 2.20 0.86 -0.36
N ARG A 12 1.42 0.72 -1.43
CA ARG A 12 0.22 1.53 -1.60
C ARG A 12 -0.80 1.22 -0.52
N MET A 13 -1.00 -0.07 -0.25
CA MET A 13 -1.94 -0.50 0.78
C MET A 13 -1.59 0.12 2.13
N SER A 14 -0.37 -0.14 2.58
CA SER A 14 0.10 0.41 3.85
C SER A 14 0.14 1.93 3.81
N ALA A 15 0.40 2.47 2.62
CA ALA A 15 0.46 3.92 2.43
C ALA A 15 -0.84 4.58 2.86
N TYR A 16 -1.91 4.27 2.13
CA TYR A 16 -3.22 4.83 2.43
C TYR A 16 -3.70 4.38 3.80
N ALA A 17 -3.31 3.17 4.18
CA ALA A 17 -3.70 2.61 5.48
C ALA A 17 -3.12 3.45 6.62
N ALA A 18 -1.80 3.58 6.65
CA ALA A 18 -1.13 4.34 7.68
C ALA A 18 -1.60 5.80 7.70
N LYS A 19 -1.73 6.37 6.50
CA LYS A 19 -2.17 7.75 6.38
C LYS A 19 -3.59 7.93 6.92
N ARG A 20 -4.52 7.12 6.41
CA ARG A 20 -5.91 7.17 6.84
C ARG A 20 -6.50 8.56 6.60
N GLN A 21 -7.83 8.63 6.56
CA GLN A 21 -8.52 9.89 6.34
C GLN A 21 -8.19 10.89 7.44
N ALA A 22 -8.81 10.71 8.60
CA ALA A 22 -8.59 11.60 9.73
C ALA A 22 -7.12 11.61 10.14
N SER A 23 -6.58 12.79 10.40
CA SER A 23 -5.19 12.93 10.81
C SER A 23 -4.93 14.31 11.42
N GLU A 1 0.14 -12.88 -10.04
CA GLU A 1 0.74 -11.65 -9.49
C GLU A 1 2.21 -11.87 -9.14
N THR A 2 3.08 -11.04 -9.73
CA THR A 2 4.52 -11.15 -9.50
C THR A 2 4.90 -10.46 -8.19
N PRO A 3 6.08 -10.78 -7.63
CA PRO A 3 6.57 -10.19 -6.38
C PRO A 3 6.49 -8.66 -6.40
N ALA A 4 6.94 -8.07 -7.50
CA ALA A 4 6.93 -6.62 -7.64
C ALA A 4 5.51 -6.07 -7.55
N GLN A 5 4.60 -6.69 -8.29
CA GLN A 5 3.19 -6.27 -8.30
C GLN A 5 2.61 -6.36 -6.89
N ARG A 6 2.78 -7.51 -6.25
CA ARG A 6 2.26 -7.73 -4.90
C ARG A 6 2.85 -6.70 -3.93
N GLN A 7 4.16 -6.73 -3.75
CA GLN A 7 4.85 -5.82 -2.85
C GLN A 7 4.44 -4.37 -3.15
N ALA A 8 4.30 -4.06 -4.44
CA ALA A 8 3.91 -2.71 -4.86
C ALA A 8 2.55 -2.36 -4.29
N ARG A 9 1.65 -3.33 -4.24
CA ARG A 9 0.31 -3.12 -3.72
C ARG A 9 0.35 -2.90 -2.22
N LEU A 10 1.20 -3.66 -1.52
CA LEU A 10 1.33 -3.54 -0.08
C LEU A 10 1.82 -2.14 0.30
N LEU A 11 2.80 -1.65 -0.46
CA LEU A 11 3.36 -0.33 -0.21
C LEU A 11 2.33 0.77 -0.48
N ARG A 12 1.71 0.70 -1.65
CA ARG A 12 0.70 1.68 -2.04
C ARG A 12 -0.50 1.62 -1.10
N MET A 13 -0.93 0.41 -0.78
CA MET A 13 -2.07 0.22 0.11
C MET A 13 -1.81 0.88 1.46
N SER A 14 -0.75 0.45 2.13
CA SER A 14 -0.39 1.01 3.43
C SER A 14 -0.04 2.48 3.31
N ALA A 15 0.48 2.87 2.14
CA ALA A 15 0.85 4.26 1.89
C ALA A 15 -0.36 5.18 2.04
N TYR A 16 -1.35 4.99 1.19
CA TYR A 16 -2.57 5.81 1.24
C TYR A 16 -3.29 5.61 2.57
N ALA A 17 -3.18 4.41 3.12
CA ALA A 17 -3.81 4.10 4.39
C ALA A 17 -3.27 4.96 5.51
N ALA A 18 -1.94 4.95 5.68
CA ALA A 18 -1.29 5.75 6.71
C ALA A 18 -1.53 7.24 6.49
N LYS A 19 -1.37 7.68 5.25
CA LYS A 19 -1.58 9.08 4.91
C LYS A 19 -3.01 9.51 5.20
N ARG A 20 -3.94 8.56 5.07
CA ARG A 20 -5.36 8.84 5.32
C ARG A 20 -5.85 8.10 6.56
N GLN A 21 -7.16 8.05 6.74
CA GLN A 21 -7.75 7.38 7.89
C GLN A 21 -7.31 8.03 9.19
N ALA A 22 -6.96 9.31 9.12
CA ALA A 22 -6.52 10.05 10.30
C ALA A 22 -7.67 10.28 11.27
N SER A 23 -7.33 10.52 12.53
CA SER A 23 -8.34 10.77 13.55
C SER A 23 -7.92 11.91 14.47
N GLU A 1 -1.16 -13.09 -8.74
CA GLU A 1 -0.64 -11.70 -8.63
C GLU A 1 0.81 -11.61 -9.11
N THR A 2 1.13 -10.53 -9.80
CA THR A 2 2.48 -10.32 -10.31
C THR A 2 3.37 -9.65 -9.26
N PRO A 3 4.69 -9.74 -9.41
CA PRO A 3 5.64 -9.14 -8.47
C PRO A 3 5.34 -7.66 -8.22
N ALA A 4 5.11 -6.92 -9.30
CA ALA A 4 4.82 -5.50 -9.19
C ALA A 4 3.58 -5.26 -8.33
N GLN A 5 2.54 -6.07 -8.55
CA GLN A 5 1.31 -5.96 -7.78
C GLN A 5 1.57 -6.18 -6.29
N ARG A 6 2.45 -7.13 -5.99
CA ARG A 6 2.79 -7.45 -4.61
C ARG A 6 3.47 -6.25 -3.94
N GLN A 7 4.60 -5.84 -4.49
CA GLN A 7 5.35 -4.70 -3.95
C GLN A 7 4.48 -3.45 -3.94
N ALA A 8 3.70 -3.26 -5.00
CA ALA A 8 2.83 -2.10 -5.12
C ALA A 8 1.86 -2.04 -3.92
N ARG A 9 1.34 -3.20 -3.54
CA ARG A 9 0.42 -3.28 -2.42
C ARG A 9 1.15 -3.03 -1.11
N LEU A 10 2.41 -3.45 -1.05
CA LEU A 10 3.23 -3.27 0.14
C LEU A 10 3.40 -1.79 0.46
N LEU A 11 3.90 -1.04 -0.52
CA LEU A 11 4.11 0.40 -0.35
C LEU A 11 2.78 1.11 -0.13
N ARG A 12 1.80 0.79 -0.95
CA ARG A 12 0.48 1.40 -0.85
C ARG A 12 -0.16 1.07 0.49
N MET A 13 -0.02 -0.18 0.93
CA MET A 13 -0.58 -0.62 2.19
C MET A 13 -0.01 0.20 3.35
N SER A 14 1.32 0.17 3.48
CA SER A 14 1.99 0.92 4.54
C SER A 14 1.81 2.42 4.33
N ALA A 15 1.70 2.83 3.08
CA ALA A 15 1.53 4.24 2.74
C ALA A 15 0.25 4.79 3.37
N TYR A 16 -0.88 4.25 2.96
CA TYR A 16 -2.17 4.68 3.48
C TYR A 16 -2.23 4.48 5.00
N ALA A 17 -1.55 3.44 5.47
CA ALA A 17 -1.52 3.13 6.89
C ALA A 17 -1.00 4.31 7.70
N ALA A 18 0.23 4.73 7.39
CA ALA A 18 0.85 5.86 8.08
C ALA A 18 0.07 7.14 7.84
N LYS A 19 -0.52 7.24 6.65
CA LYS A 19 -1.29 8.42 6.29
C LYS A 19 -2.60 8.50 7.09
N ARG A 20 -2.94 7.41 7.78
CA ARG A 20 -4.16 7.37 8.58
C ARG A 20 -5.40 7.53 7.69
N GLN A 21 -6.47 6.85 8.08
CA GLN A 21 -7.73 6.92 7.33
C GLN A 21 -8.40 8.27 7.53
N ALA A 22 -7.87 9.30 6.89
CA ALA A 22 -8.42 10.64 6.99
C ALA A 22 -9.84 10.69 6.43
N SER A 23 -9.94 10.72 5.11
CA SER A 23 -11.25 10.77 4.44
C SER A 23 -11.63 9.41 3.90
N GLU A 1 -0.71 -12.66 -10.31
CA GLU A 1 -0.08 -11.83 -9.25
C GLU A 1 1.44 -12.03 -9.22
N THR A 2 2.18 -10.99 -9.61
CA THR A 2 3.63 -11.05 -9.63
C THR A 2 4.23 -10.38 -8.39
N PRO A 3 5.49 -10.68 -8.07
CA PRO A 3 6.18 -10.10 -6.90
C PRO A 3 6.09 -8.57 -6.89
N ALA A 4 6.33 -7.96 -8.04
CA ALA A 4 6.28 -6.51 -8.16
C ALA A 4 4.89 -5.97 -7.84
N GLN A 5 3.87 -6.60 -8.42
CA GLN A 5 2.49 -6.19 -8.18
C GLN A 5 2.14 -6.31 -6.70
N ARG A 6 2.46 -7.45 -6.11
CA ARG A 6 2.17 -7.69 -4.70
C ARG A 6 2.86 -6.65 -3.82
N GLN A 7 4.19 -6.60 -3.89
CA GLN A 7 4.97 -5.65 -3.11
C GLN A 7 4.46 -4.23 -3.31
N ALA A 8 4.15 -3.91 -4.56
CA ALA A 8 3.64 -2.58 -4.90
C ALA A 8 2.35 -2.29 -4.15
N ARG A 9 1.56 -3.34 -3.91
CA ARG A 9 0.30 -3.21 -3.20
C ARG A 9 0.54 -2.97 -1.71
N LEU A 10 1.53 -3.67 -1.16
CA LEU A 10 1.87 -3.54 0.24
C LEU A 10 2.33 -2.12 0.56
N LEU A 11 3.29 -1.63 -0.22
CA LEU A 11 3.82 -0.29 -0.04
C LEU A 11 2.72 0.76 -0.25
N ARG A 12 1.97 0.60 -1.35
CA ARG A 12 0.89 1.54 -1.66
C ARG A 12 -0.19 1.47 -0.59
N MET A 13 -0.47 0.26 -0.10
CA MET A 13 -1.48 0.07 0.93
C MET A 13 -1.14 0.87 2.18
N SER A 14 0.05 0.61 2.74
CA SER A 14 0.50 1.31 3.93
C SER A 14 0.68 2.80 3.63
N ALA A 15 1.06 3.11 2.40
CA ALA A 15 1.27 4.49 1.99
C ALA A 15 0.01 5.32 2.17
N TYR A 16 -1.05 4.93 1.48
CA TYR A 16 -2.32 5.63 1.57
C TYR A 16 -2.86 5.59 3.00
N ALA A 17 -2.53 4.52 3.71
CA ALA A 17 -2.96 4.36 5.09
C ALA A 17 -2.44 5.49 5.97
N ALA A 18 -1.12 5.63 6.02
CA ALA A 18 -0.50 6.68 6.82
C ALA A 18 -0.92 8.06 6.33
N LYS A 19 -1.02 8.20 5.02
CA LYS A 19 -1.42 9.48 4.42
C LYS A 19 -2.80 9.90 4.91
N ARG A 20 -3.64 8.92 5.21
CA ARG A 20 -4.99 9.19 5.69
C ARG A 20 -5.42 8.16 6.73
N GLN A 21 -5.00 8.38 7.97
CA GLN A 21 -5.33 7.46 9.06
C GLN A 21 -6.56 7.97 9.84
N ALA A 22 -6.59 9.27 10.07
CA ALA A 22 -7.70 9.88 10.79
C ALA A 22 -9.01 9.75 10.03
N SER A 23 -9.97 9.03 10.62
CA SER A 23 -11.26 8.83 9.99
C SER A 23 -11.11 8.10 8.66
N GLU A 1 -2.14 -11.77 -9.22
CA GLU A 1 -1.24 -11.59 -8.05
C GLU A 1 0.22 -11.80 -8.45
N THR A 2 0.80 -10.78 -9.10
CA THR A 2 2.19 -10.85 -9.53
C THR A 2 3.09 -10.04 -8.60
N PRO A 3 4.41 -10.30 -8.64
CA PRO A 3 5.37 -9.60 -7.79
C PRO A 3 5.22 -8.08 -7.87
N ALA A 4 4.99 -7.58 -9.08
CA ALA A 4 4.82 -6.14 -9.29
C ALA A 4 3.59 -5.63 -8.55
N GLN A 5 2.45 -6.25 -8.80
CA GLN A 5 1.20 -5.85 -8.16
C GLN A 5 1.31 -5.98 -6.64
N ARG A 6 1.85 -7.12 -6.19
CA ARG A 6 2.01 -7.38 -4.77
C ARG A 6 2.90 -6.31 -4.12
N GLN A 7 4.14 -6.22 -4.59
CA GLN A 7 5.09 -5.24 -4.06
C GLN A 7 4.48 -3.85 -4.05
N ALA A 8 3.73 -3.53 -5.10
CA ALA A 8 3.08 -2.23 -5.21
C ALA A 8 2.11 -2.03 -4.05
N ARG A 9 1.38 -3.09 -3.71
CA ARG A 9 0.41 -3.03 -2.61
C ARG A 9 1.13 -2.77 -1.29
N LEU A 10 2.26 -3.44 -1.10
CA LEU A 10 3.04 -3.28 0.12
C LEU A 10 3.49 -1.82 0.28
N LEU A 11 4.02 -1.26 -0.81
CA LEU A 11 4.48 0.12 -0.80
C LEU A 11 3.35 1.07 -0.43
N ARG A 12 2.21 0.89 -1.08
CA ARG A 12 1.04 1.72 -0.81
C ARG A 12 0.48 1.42 0.57
N MET A 13 0.62 0.16 1.01
CA MET A 13 0.13 -0.25 2.31
C MET A 13 0.79 0.58 3.41
N SER A 14 2.12 0.58 3.43
CA SER A 14 2.87 1.34 4.42
C SER A 14 2.61 2.84 4.23
N ALA A 15 2.46 3.25 2.98
CA ALA A 15 2.20 4.66 2.66
C ALA A 15 0.88 5.10 3.27
N TYR A 16 -0.21 4.44 2.88
CA TYR A 16 -1.53 4.77 3.39
C TYR A 16 -1.58 4.56 4.90
N ALA A 17 -0.76 3.64 5.39
CA ALA A 17 -0.70 3.35 6.82
C ALA A 17 -0.31 4.59 7.62
N ALA A 18 0.80 5.20 7.23
CA ALA A 18 1.29 6.41 7.90
C ALA A 18 0.35 7.58 7.65
N LYS A 19 -0.07 7.74 6.39
CA LYS A 19 -0.97 8.83 6.03
C LYS A 19 -2.31 8.69 6.76
N ARG A 20 -2.94 7.54 6.60
CA ARG A 20 -4.22 7.27 7.24
C ARG A 20 -5.25 8.34 6.88
N GLN A 21 -6.11 8.03 5.92
CA GLN A 21 -7.14 8.96 5.49
C GLN A 21 -8.52 8.54 6.01
N ALA A 22 -8.69 8.58 7.31
CA ALA A 22 -9.95 8.20 7.94
C ALA A 22 -11.08 9.11 7.47
N SER A 23 -12.30 8.80 7.92
CA SER A 23 -13.47 9.59 7.54
C SER A 23 -13.67 9.57 6.03
N GLU A 1 -0.82 -13.16 -10.10
CA GLU A 1 -0.13 -12.51 -8.95
C GLU A 1 1.37 -12.38 -9.23
N THR A 2 1.78 -11.18 -9.64
CA THR A 2 3.18 -10.92 -9.94
C THR A 2 3.84 -10.12 -8.82
N PRO A 3 5.16 -10.30 -8.62
CA PRO A 3 5.90 -9.60 -7.56
C PRO A 3 5.62 -8.10 -7.55
N ALA A 4 5.46 -7.52 -8.74
CA ALA A 4 5.19 -6.10 -8.86
C ALA A 4 3.85 -5.74 -8.20
N GLN A 5 2.85 -6.58 -8.42
CA GLN A 5 1.52 -6.36 -7.85
C GLN A 5 1.57 -6.47 -6.32
N ARG A 6 2.22 -7.52 -5.83
CA ARG A 6 2.35 -7.74 -4.39
C ARG A 6 3.04 -6.56 -3.73
N GLN A 7 4.23 -6.23 -4.23
CA GLN A 7 5.00 -5.12 -3.68
C GLN A 7 4.28 -3.79 -3.90
N ALA A 8 3.54 -3.70 -5.01
CA ALA A 8 2.79 -2.49 -5.33
C ALA A 8 1.79 -2.17 -4.23
N ARG A 9 0.81 -3.05 -4.05
CA ARG A 9 -0.21 -2.86 -3.02
C ARG A 9 0.44 -2.76 -1.65
N LEU A 10 1.59 -3.41 -1.48
CA LEU A 10 2.32 -3.40 -0.23
C LEU A 10 2.70 -1.96 0.14
N LEU A 11 3.41 -1.30 -0.76
CA LEU A 11 3.83 0.07 -0.54
C LEU A 11 2.62 0.99 -0.37
N ARG A 12 1.65 0.84 -1.27
CA ARG A 12 0.43 1.65 -1.21
C ARG A 12 -0.28 1.45 0.12
N MET A 13 -0.38 0.20 0.56
CA MET A 13 -1.02 -0.11 1.83
C MET A 13 -0.34 0.63 2.97
N SER A 14 0.98 0.50 3.04
CA SER A 14 1.75 1.17 4.08
C SER A 14 1.73 2.68 3.88
N ALA A 15 1.65 3.10 2.63
CA ALA A 15 1.60 4.52 2.29
C ALA A 15 0.42 5.21 2.97
N TYR A 16 -0.78 4.74 2.68
CA TYR A 16 -1.99 5.30 3.27
C TYR A 16 -1.97 5.15 4.78
N ALA A 17 -1.30 4.10 5.25
CA ALA A 17 -1.19 3.83 6.68
C ALA A 17 -0.53 4.99 7.41
N ALA A 18 0.72 5.27 7.05
CA ALA A 18 1.48 6.36 7.66
C ALA A 18 0.84 7.71 7.37
N LYS A 19 0.34 7.86 6.15
CA LYS A 19 -0.29 9.12 5.74
C LYS A 19 -1.49 9.44 6.62
N ARG A 20 -2.20 8.39 7.06
CA ARG A 20 -3.36 8.57 7.91
C ARG A 20 -4.42 9.42 7.23
N GLN A 21 -5.53 8.80 6.85
CA GLN A 21 -6.62 9.50 6.18
C GLN A 21 -7.97 8.92 6.59
N ALA A 22 -8.11 8.62 7.88
CA ALA A 22 -9.35 8.06 8.40
C ALA A 22 -10.53 8.99 8.13
N SER A 23 -11.70 8.41 7.91
CA SER A 23 -12.91 9.18 7.63
C SER A 23 -14.14 8.45 8.14
N GLU A 1 -0.78 -12.21 -8.70
CA GLU A 1 0.23 -11.25 -9.20
C GLU A 1 1.65 -11.70 -8.86
N THR A 2 2.63 -10.99 -9.37
CA THR A 2 4.04 -11.32 -9.12
C THR A 2 4.52 -10.67 -7.81
N PRO A 3 5.62 -11.20 -7.24
CA PRO A 3 6.17 -10.67 -5.99
C PRO A 3 6.36 -9.15 -6.03
N ALA A 4 6.92 -8.66 -7.14
CA ALA A 4 7.15 -7.23 -7.29
C ALA A 4 5.82 -6.46 -7.33
N GLN A 5 4.89 -6.95 -8.13
CA GLN A 5 3.58 -6.32 -8.26
C GLN A 5 2.84 -6.33 -6.92
N ARG A 6 2.79 -7.50 -6.29
CA ARG A 6 2.11 -7.65 -5.01
C ARG A 6 2.70 -6.69 -3.97
N GLN A 7 4.00 -6.80 -3.73
CA GLN A 7 4.68 -5.95 -2.77
C GLN A 7 4.38 -4.48 -3.05
N ALA A 8 4.38 -4.11 -4.32
CA ALA A 8 4.09 -2.75 -4.72
C ALA A 8 2.70 -2.33 -4.27
N ARG A 9 1.76 -3.28 -4.33
CA ARG A 9 0.39 -3.03 -3.91
C ARG A 9 0.31 -2.78 -2.41
N LEU A 10 1.09 -3.56 -1.66
CA LEU A 10 1.13 -3.43 -0.21
C LEU A 10 1.66 -2.06 0.19
N LEU A 11 2.71 -1.62 -0.49
CA LEU A 11 3.31 -0.32 -0.21
C LEU A 11 2.34 0.81 -0.52
N ARG A 12 1.72 0.75 -1.69
CA ARG A 12 0.76 1.77 -2.10
C ARG A 12 -0.45 1.78 -1.17
N MET A 13 -0.94 0.60 -0.83
CA MET A 13 -2.08 0.47 0.06
C MET A 13 -1.81 1.15 1.40
N SER A 14 -0.77 0.70 2.09
CA SER A 14 -0.39 1.28 3.37
C SER A 14 0.00 2.74 3.21
N ALA A 15 0.53 3.08 2.04
CA ALA A 15 0.95 4.45 1.75
C ALA A 15 -0.23 5.41 1.90
N TYR A 16 -1.25 5.21 1.07
CA TYR A 16 -2.44 6.05 1.10
C TYR A 16 -3.12 5.97 2.47
N ALA A 17 -3.01 4.80 3.10
CA ALA A 17 -3.62 4.59 4.41
C ALA A 17 -3.04 5.56 5.44
N ALA A 18 -1.71 5.61 5.53
CA ALA A 18 -1.04 6.48 6.47
C ALA A 18 -1.24 7.94 6.08
N LYS A 19 -1.35 8.20 4.79
CA LYS A 19 -1.54 9.55 4.29
C LYS A 19 -2.86 10.14 4.78
N ARG A 20 -3.96 9.44 4.52
CA ARG A 20 -5.27 9.89 4.94
C ARG A 20 -5.35 10.01 6.46
N GLN A 21 -6.35 10.74 6.93
CA GLN A 21 -6.54 10.93 8.36
C GLN A 21 -6.81 9.61 9.07
N ALA A 22 -6.09 9.38 10.17
CA ALA A 22 -6.25 8.14 10.93
C ALA A 22 -7.67 8.00 11.46
N SER A 23 -8.02 6.79 11.89
CA SER A 23 -9.36 6.52 12.42
C SER A 23 -9.27 5.90 13.81
N GLU A 1 -0.10 -12.28 -11.07
CA GLU A 1 0.43 -11.48 -9.94
C GLU A 1 1.82 -11.95 -9.53
N THR A 2 2.82 -11.10 -9.73
CA THR A 2 4.19 -11.43 -9.38
C THR A 2 4.57 -10.81 -8.04
N PRO A 3 5.48 -11.46 -7.29
CA PRO A 3 5.93 -10.98 -5.99
C PRO A 3 6.29 -9.49 -6.01
N ALA A 4 6.88 -9.05 -7.12
CA ALA A 4 7.28 -7.66 -7.27
C ALA A 4 6.05 -6.75 -7.30
N GLN A 5 5.07 -7.12 -8.12
CA GLN A 5 3.84 -6.35 -8.24
C GLN A 5 3.08 -6.31 -6.92
N ARG A 6 2.96 -7.48 -6.29
CA ARG A 6 2.25 -7.58 -5.02
C ARG A 6 2.87 -6.65 -3.97
N GLN A 7 4.17 -6.82 -3.72
CA GLN A 7 4.88 -6.00 -2.76
C GLN A 7 4.63 -4.52 -3.03
N ALA A 8 4.62 -4.16 -4.31
CA ALA A 8 4.39 -2.78 -4.70
C ALA A 8 3.02 -2.32 -4.23
N ARG A 9 2.04 -3.20 -4.35
CA ARG A 9 0.67 -2.90 -3.93
C ARG A 9 0.64 -2.64 -2.43
N LEU A 10 1.40 -3.44 -1.68
CA LEU A 10 1.46 -3.30 -0.23
C LEU A 10 2.03 -1.93 0.14
N LEU A 11 3.08 -1.52 -0.57
CA LEU A 11 3.72 -0.23 -0.33
C LEU A 11 2.73 0.91 -0.56
N ARG A 12 2.05 0.87 -1.69
CA ARG A 12 1.08 1.90 -2.03
C ARG A 12 -0.16 1.79 -1.14
N MET A 13 -0.53 0.55 -0.80
CA MET A 13 -1.68 0.31 0.04
C MET A 13 -1.53 1.04 1.38
N SER A 14 -0.42 0.77 2.06
CA SER A 14 -0.16 1.41 3.35
C SER A 14 -0.02 2.92 3.18
N ALA A 15 0.46 3.34 2.01
CA ALA A 15 0.64 4.75 1.70
C ALA A 15 -0.70 5.49 1.81
N TYR A 16 -1.65 5.09 0.98
CA TYR A 16 -2.97 5.70 0.98
C TYR A 16 -3.65 5.51 2.33
N ALA A 17 -3.36 4.39 2.99
CA ALA A 17 -3.92 4.09 4.28
C ALA A 17 -3.51 5.13 5.32
N ALA A 18 -2.19 5.35 5.42
CA ALA A 18 -1.66 6.31 6.38
C ALA A 18 -2.16 7.72 6.05
N LYS A 19 -2.12 8.07 4.78
CA LYS A 19 -2.57 9.39 4.34
C LYS A 19 -4.05 9.59 4.68
N ARG A 20 -4.81 8.50 4.65
CA ARG A 20 -6.24 8.56 4.94
C ARG A 20 -6.57 7.74 6.19
N GLN A 21 -6.23 8.28 7.36
CA GLN A 21 -6.49 7.60 8.61
C GLN A 21 -6.55 8.59 9.77
N ALA A 22 -7.47 9.55 9.68
CA ALA A 22 -7.63 10.56 10.72
C ALA A 22 -7.95 9.92 12.07
N SER A 23 -7.22 10.32 13.10
CA SER A 23 -7.44 9.79 14.44
C SER A 23 -7.58 10.92 15.45
N GLU A 1 -0.61 -12.10 -8.22
CA GLU A 1 0.30 -10.96 -8.50
C GLU A 1 1.76 -11.35 -8.27
N THR A 2 2.67 -10.73 -9.01
CA THR A 2 4.09 -11.01 -8.88
C THR A 2 4.66 -10.38 -7.62
N PRO A 3 5.82 -10.86 -7.14
CA PRO A 3 6.46 -10.32 -5.94
C PRO A 3 6.60 -8.81 -5.97
N ALA A 4 7.11 -8.29 -7.09
CA ALA A 4 7.29 -6.85 -7.25
C ALA A 4 5.95 -6.12 -7.24
N GLN A 5 5.01 -6.60 -8.05
CA GLN A 5 3.70 -6.00 -8.14
C GLN A 5 2.99 -6.04 -6.79
N ARG A 6 3.03 -7.20 -6.14
CA ARG A 6 2.41 -7.38 -4.83
C ARG A 6 2.96 -6.38 -3.82
N GLN A 7 4.28 -6.34 -3.70
CA GLN A 7 4.93 -5.43 -2.76
C GLN A 7 4.61 -3.98 -3.12
N ALA A 8 4.52 -3.70 -4.42
CA ALA A 8 4.23 -2.36 -4.89
C ALA A 8 2.88 -1.88 -4.35
N ARG A 9 1.82 -2.62 -4.67
CA ARG A 9 0.49 -2.29 -4.20
C ARG A 9 0.43 -2.31 -2.67
N LEU A 10 1.26 -3.15 -2.07
CA LEU A 10 1.32 -3.27 -0.63
C LEU A 10 1.71 -1.94 0.01
N LEU A 11 2.79 -1.36 -0.49
CA LEU A 11 3.29 -0.09 0.02
C LEU A 11 2.30 1.04 -0.30
N ARG A 12 1.84 1.08 -1.55
CA ARG A 12 0.91 2.10 -1.98
C ARG A 12 -0.41 1.99 -1.23
N MET A 13 -0.94 0.77 -1.15
CA MET A 13 -2.19 0.52 -0.45
C MET A 13 -2.10 0.99 1.00
N SER A 14 -1.12 0.46 1.73
CA SER A 14 -0.92 0.84 3.12
C SER A 14 -0.56 2.32 3.23
N ALA A 15 0.10 2.84 2.20
CA ALA A 15 0.50 4.24 2.16
C ALA A 15 -0.71 5.16 2.29
N TYR A 16 -1.58 5.12 1.29
CA TYR A 16 -2.78 5.93 1.30
C TYR A 16 -3.72 5.55 2.44
N ALA A 17 -3.69 4.27 2.81
CA ALA A 17 -4.52 3.76 3.88
C ALA A 17 -4.24 4.49 5.19
N ALA A 18 -3.07 4.22 5.77
CA ALA A 18 -2.68 4.86 7.02
C ALA A 18 -2.63 6.38 6.88
N LYS A 19 -2.24 6.84 5.70
CA LYS A 19 -2.16 8.27 5.43
C LYS A 19 -3.52 8.94 5.58
N ARG A 20 -4.56 8.24 5.13
CA ARG A 20 -5.92 8.76 5.21
C ARG A 20 -6.67 8.16 6.40
N GLN A 21 -7.63 8.91 6.92
CA GLN A 21 -8.43 8.46 8.06
C GLN A 21 -7.58 8.40 9.33
N ALA A 22 -6.65 7.46 9.36
CA ALA A 22 -5.77 7.28 10.51
C ALA A 22 -4.76 8.43 10.60
N SER A 23 -5.24 9.61 10.96
CA SER A 23 -4.39 10.78 11.09
C SER A 23 -4.78 11.61 12.31
N GLU A 1 -0.31 -12.61 -9.89
CA GLU A 1 0.40 -11.47 -9.25
C GLU A 1 1.87 -11.80 -8.99
N THR A 2 2.75 -10.98 -9.53
CA THR A 2 4.19 -11.18 -9.37
C THR A 2 4.68 -10.53 -8.08
N PRO A 3 5.88 -10.92 -7.60
CA PRO A 3 6.46 -10.37 -6.37
C PRO A 3 6.43 -8.84 -6.34
N ALA A 4 6.84 -8.22 -7.44
CA ALA A 4 6.87 -6.77 -7.53
C ALA A 4 5.46 -6.19 -7.42
N GLN A 5 4.53 -6.77 -8.18
CA GLN A 5 3.14 -6.31 -8.15
C GLN A 5 2.55 -6.43 -6.76
N ARG A 6 2.84 -7.56 -6.10
CA ARG A 6 2.34 -7.80 -4.75
C ARG A 6 2.93 -6.79 -3.77
N GLN A 7 4.25 -6.82 -3.62
CA GLN A 7 4.94 -5.91 -2.71
C GLN A 7 4.58 -4.46 -3.01
N ALA A 8 4.58 -4.12 -4.30
CA ALA A 8 4.24 -2.77 -4.73
C ALA A 8 2.85 -2.38 -4.25
N ARG A 9 1.95 -3.36 -4.22
CA ARG A 9 0.59 -3.13 -3.77
C ARG A 9 0.54 -2.86 -2.27
N LEU A 10 1.34 -3.62 -1.52
CA LEU A 10 1.39 -3.46 -0.07
C LEU A 10 1.90 -2.06 0.30
N LEU A 11 2.91 -1.60 -0.43
CA LEU A 11 3.48 -0.29 -0.19
C LEU A 11 2.48 0.81 -0.53
N ARG A 12 1.89 0.72 -1.72
CA ARG A 12 0.92 1.71 -2.17
C ARG A 12 -0.33 1.68 -1.29
N MET A 13 -0.82 0.48 -1.00
CA MET A 13 -2.02 0.32 -0.18
C MET A 13 -1.81 0.98 1.19
N SER A 14 -0.76 0.57 1.88
CA SER A 14 -0.45 1.12 3.20
C SER A 14 -0.08 2.59 3.08
N ALA A 15 0.50 2.97 1.94
CA ALA A 15 0.90 4.35 1.71
C ALA A 15 -0.29 5.30 1.82
N TYR A 16 -1.29 5.07 0.98
CA TYR A 16 -2.50 5.89 0.99
C TYR A 16 -3.26 5.72 2.30
N ALA A 17 -3.18 4.52 2.87
CA ALA A 17 -3.85 4.23 4.13
C ALA A 17 -3.31 5.09 5.26
N ALA A 18 -2.00 4.95 5.52
CA ALA A 18 -1.35 5.71 6.57
C ALA A 18 -1.46 7.21 6.33
N LYS A 19 -1.35 7.60 5.05
CA LYS A 19 -1.44 9.00 4.67
C LYS A 19 -2.78 9.59 5.09
N ARG A 20 -3.86 8.85 4.83
CA ARG A 20 -5.20 9.31 5.18
C ARG A 20 -5.75 8.51 6.35
N GLN A 21 -5.91 9.17 7.50
CA GLN A 21 -6.43 8.52 8.69
C GLN A 21 -7.32 9.47 9.48
N ALA A 22 -8.56 9.04 9.74
CA ALA A 22 -9.51 9.85 10.49
C ALA A 22 -8.97 10.17 11.88
N SER A 23 -8.20 9.26 12.44
CA SER A 23 -7.63 9.44 13.77
C SER A 23 -6.11 9.63 13.69
N GLU A 1 -0.66 -13.25 -9.87
CA GLU A 1 -0.04 -12.61 -8.68
C GLU A 1 1.48 -12.57 -8.80
N THR A 2 2.02 -11.37 -9.00
CA THR A 2 3.46 -11.19 -9.13
C THR A 2 4.02 -10.41 -7.95
N PRO A 3 5.29 -10.64 -7.59
CA PRO A 3 5.95 -9.94 -6.48
C PRO A 3 5.78 -8.43 -6.55
N ALA A 4 6.08 -7.87 -7.72
CA ALA A 4 5.96 -6.43 -7.92
C ALA A 4 4.54 -5.95 -7.61
N GLN A 5 3.55 -6.72 -8.03
CA GLN A 5 2.16 -6.38 -7.79
C GLN A 5 1.85 -6.36 -6.31
N ARG A 6 2.22 -7.44 -5.62
CA ARG A 6 1.98 -7.55 -4.18
C ARG A 6 2.66 -6.41 -3.42
N GLN A 7 3.97 -6.26 -3.64
CA GLN A 7 4.73 -5.20 -2.99
C GLN A 7 4.19 -3.83 -3.37
N ALA A 8 3.73 -3.70 -4.61
CA ALA A 8 3.19 -2.43 -5.09
C ALA A 8 2.00 -2.00 -4.25
N ARG A 9 0.98 -2.86 -4.18
CA ARG A 9 -0.21 -2.58 -3.39
C ARG A 9 0.15 -2.38 -1.93
N LEU A 10 1.17 -3.11 -1.48
CA LEU A 10 1.62 -3.03 -0.09
C LEU A 10 2.07 -1.61 0.23
N LEU A 11 2.94 -1.06 -0.61
CA LEU A 11 3.44 0.29 -0.41
C LEU A 11 2.32 1.31 -0.51
N ARG A 12 1.46 1.13 -1.51
CA ARG A 12 0.33 2.03 -1.72
C ARG A 12 -0.60 2.02 -0.52
N MET A 13 -0.93 0.83 -0.03
CA MET A 13 -1.81 0.68 1.12
C MET A 13 -1.23 1.40 2.33
N SER A 14 0.00 1.04 2.70
CA SER A 14 0.67 1.66 3.83
C SER A 14 0.95 3.13 3.55
N ALA A 15 1.13 3.46 2.27
CA ALA A 15 1.40 4.83 1.88
C ALA A 15 0.26 5.76 2.29
N TYR A 16 -0.93 5.52 1.74
CA TYR A 16 -2.09 6.32 2.05
C TYR A 16 -2.49 6.17 3.52
N ALA A 17 -2.22 4.99 4.07
CA ALA A 17 -2.55 4.70 5.46
C ALA A 17 -1.82 5.65 6.40
N ALA A 18 -0.51 5.49 6.51
CA ALA A 18 0.30 6.33 7.38
C ALA A 18 0.19 7.80 6.98
N LYS A 19 0.13 8.06 5.68
CA LYS A 19 0.02 9.41 5.17
C LYS A 19 -1.26 10.08 5.66
N ARG A 20 -2.38 9.36 5.54
CA ARG A 20 -3.66 9.89 5.98
C ARG A 20 -4.47 8.80 6.69
N GLN A 21 -4.99 9.14 7.87
CA GLN A 21 -5.79 8.19 8.65
C GLN A 21 -7.21 8.10 8.10
N ALA A 22 -7.44 7.15 7.20
CA ALA A 22 -8.76 6.97 6.61
C ALA A 22 -9.80 6.64 7.67
N SER A 23 -9.38 5.95 8.71
CA SER A 23 -10.28 5.57 9.80
C SER A 23 -10.50 6.75 10.75
N GLU A 1 -0.75 -13.17 -9.59
CA GLU A 1 -0.07 -12.04 -8.91
C GLU A 1 1.41 -11.98 -9.29
N THR A 2 1.84 -10.83 -9.81
CA THR A 2 3.23 -10.65 -10.21
C THR A 2 4.02 -9.92 -9.13
N PRO A 3 5.36 -10.05 -9.14
CA PRO A 3 6.22 -9.40 -8.16
C PRO A 3 5.96 -7.91 -8.04
N ALA A 4 5.86 -7.24 -9.19
CA ALA A 4 5.60 -5.80 -9.22
C ALA A 4 4.29 -5.47 -8.51
N GLN A 5 3.23 -6.20 -8.86
CA GLN A 5 1.92 -5.98 -8.27
C GLN A 5 1.98 -6.17 -6.75
N ARG A 6 2.80 -7.11 -6.31
CA ARG A 6 2.95 -7.38 -4.87
C ARG A 6 3.59 -6.20 -4.17
N GLN A 7 4.77 -5.81 -4.65
CA GLN A 7 5.50 -4.68 -4.06
C GLN A 7 4.67 -3.41 -4.12
N ALA A 8 3.98 -3.22 -5.25
CA ALA A 8 3.14 -2.04 -5.44
C ALA A 8 2.07 -1.96 -4.37
N ARG A 9 1.29 -3.04 -4.23
CA ARG A 9 0.23 -3.10 -3.25
C ARG A 9 0.82 -3.04 -1.84
N LEU A 10 2.02 -3.58 -1.68
CA LEU A 10 2.70 -3.58 -0.38
C LEU A 10 2.90 -2.16 0.12
N LEU A 11 3.58 -1.34 -0.67
CA LEU A 11 3.83 0.05 -0.31
C LEU A 11 2.51 0.80 -0.16
N ARG A 12 1.59 0.56 -1.08
CA ARG A 12 0.28 1.20 -1.04
C ARG A 12 -0.45 0.85 0.25
N MET A 13 -0.39 -0.42 0.62
CA MET A 13 -1.05 -0.89 1.84
C MET A 13 -0.50 -0.16 3.06
N SER A 14 0.82 -0.25 3.25
CA SER A 14 1.47 0.42 4.38
C SER A 14 1.34 1.93 4.24
N ALA A 15 1.30 2.41 3.00
CA ALA A 15 1.18 3.84 2.73
C ALA A 15 -0.09 4.40 3.36
N TYR A 16 -1.24 3.93 2.89
CA TYR A 16 -2.53 4.38 3.41
C TYR A 16 -2.65 4.05 4.90
N ALA A 17 -2.03 2.95 5.31
CA ALA A 17 -2.06 2.52 6.70
C ALA A 17 -1.41 3.56 7.61
N ALA A 18 -0.14 3.87 7.33
CA ALA A 18 0.59 4.84 8.13
C ALA A 18 -0.03 6.23 8.03
N LYS A 19 -0.47 6.59 6.82
CA LYS A 19 -1.09 7.89 6.59
C LYS A 19 -2.42 8.00 7.33
N ARG A 20 -3.35 7.09 7.00
CA ARG A 20 -4.66 7.09 7.64
C ARG A 20 -5.34 8.43 7.49
N GLN A 21 -6.24 8.53 6.51
CA GLN A 21 -6.97 9.78 6.26
C GLN A 21 -8.33 9.74 6.94
N ALA A 22 -8.37 10.09 8.21
CA ALA A 22 -9.60 10.09 8.97
C ALA A 22 -10.24 11.48 8.99
N SER A 23 -10.00 12.25 7.93
CA SER A 23 -10.55 13.61 7.84
C SER A 23 -11.51 13.71 6.67
N GLU A 1 -0.88 -12.50 -9.61
CA GLU A 1 -0.09 -11.34 -9.14
C GLU A 1 1.41 -11.61 -9.26
N THR A 2 2.13 -10.64 -9.83
CA THR A 2 3.57 -10.78 -10.01
C THR A 2 4.32 -10.07 -8.88
N PRO A 3 5.62 -10.41 -8.69
CA PRO A 3 6.44 -9.80 -7.64
C PRO A 3 6.37 -8.27 -7.66
N ALA A 4 6.51 -7.69 -8.84
CA ALA A 4 6.47 -6.24 -8.99
C ALA A 4 5.14 -5.69 -8.47
N GLN A 5 4.05 -6.30 -8.91
CA GLN A 5 2.72 -5.86 -8.49
C GLN A 5 2.55 -6.02 -6.98
N ARG A 6 3.14 -7.08 -6.43
CA ARG A 6 3.06 -7.34 -5.00
C ARG A 6 3.69 -6.21 -4.20
N GLN A 7 4.92 -5.84 -4.57
CA GLN A 7 5.62 -4.76 -3.89
C GLN A 7 4.85 -3.47 -4.00
N ALA A 8 4.21 -3.25 -5.15
CA ALA A 8 3.43 -2.04 -5.37
C ALA A 8 2.29 -1.95 -4.37
N ARG A 9 1.47 -3.00 -4.32
CA ARG A 9 0.35 -3.04 -3.40
C ARG A 9 0.84 -2.98 -1.95
N LEU A 10 2.03 -3.54 -1.72
CA LEU A 10 2.64 -3.54 -0.40
C LEU A 10 2.84 -2.12 0.11
N LEU A 11 3.58 -1.33 -0.65
CA LEU A 11 3.85 0.06 -0.29
C LEU A 11 2.55 0.84 -0.17
N ARG A 12 1.68 0.69 -1.17
CA ARG A 12 0.40 1.38 -1.17
C ARG A 12 -0.45 0.93 0.01
N MET A 13 -0.36 -0.35 0.35
CA MET A 13 -1.11 -0.91 1.47
C MET A 13 -0.74 -0.21 2.76
N SER A 14 0.54 -0.29 3.13
CA SER A 14 1.02 0.33 4.35
C SER A 14 0.87 1.85 4.26
N ALA A 15 0.97 2.38 3.04
CA ALA A 15 0.83 3.81 2.82
C ALA A 15 -0.55 4.30 3.22
N TYR A 16 -1.57 3.83 2.50
CA TYR A 16 -2.94 4.21 2.78
C TYR A 16 -3.34 3.82 4.20
N ALA A 17 -2.72 2.76 4.71
CA ALA A 17 -3.00 2.29 6.06
C ALA A 17 -2.82 3.40 7.09
N ALA A 18 -1.57 3.83 7.27
CA ALA A 18 -1.26 4.89 8.23
C ALA A 18 -1.94 6.20 7.83
N LYS A 19 -1.87 6.52 6.53
CA LYS A 19 -2.48 7.74 6.02
C LYS A 19 -4.00 7.71 6.16
N ARG A 20 -4.55 6.53 6.39
CA ARG A 20 -6.00 6.37 6.55
C ARG A 20 -6.55 7.34 7.57
N GLN A 21 -7.77 7.83 7.33
CA GLN A 21 -8.41 8.77 8.23
C GLN A 21 -7.61 10.06 8.33
N ALA A 22 -7.34 10.68 7.19
CA ALA A 22 -6.58 11.92 7.14
C ALA A 22 -7.41 13.09 7.68
N SER A 23 -7.75 13.03 8.97
CA SER A 23 -8.54 14.08 9.60
C SER A 23 -8.43 14.01 11.12
N GLU A 1 1.09 -11.71 -11.07
CA GLU A 1 1.45 -10.82 -9.93
C GLU A 1 2.89 -11.08 -9.48
N THR A 2 3.83 -10.32 -10.04
CA THR A 2 5.23 -10.46 -9.68
C THR A 2 5.50 -9.88 -8.29
N PRO A 3 6.65 -10.24 -7.69
CA PRO A 3 7.02 -9.75 -6.36
C PRO A 3 6.91 -8.23 -6.25
N ALA A 4 7.35 -7.53 -7.27
CA ALA A 4 7.30 -6.08 -7.30
C ALA A 4 5.86 -5.58 -7.28
N GLN A 5 5.01 -6.22 -8.09
CA GLN A 5 3.61 -5.85 -8.17
C GLN A 5 2.92 -6.05 -6.82
N ARG A 6 3.09 -7.24 -6.25
CA ARG A 6 2.50 -7.57 -4.96
C ARG A 6 2.95 -6.58 -3.89
N GLN A 7 4.26 -6.50 -3.68
CA GLN A 7 4.83 -5.59 -2.69
C GLN A 7 4.34 -4.17 -2.93
N ALA A 8 4.22 -3.79 -4.20
CA ALA A 8 3.76 -2.46 -4.57
C ALA A 8 2.37 -2.20 -4.01
N ARG A 9 1.50 -3.19 -4.13
CA ARG A 9 0.13 -3.09 -3.64
C ARG A 9 0.13 -3.00 -2.11
N LEU A 10 1.05 -3.73 -1.48
CA LEU A 10 1.17 -3.74 -0.04
C LEU A 10 1.46 -2.34 0.49
N LEU A 11 2.46 -1.70 -0.10
CA LEU A 11 2.85 -0.36 0.29
C LEU A 11 1.72 0.64 0.02
N ARG A 12 1.19 0.62 -1.19
CA ARG A 12 0.11 1.51 -1.56
C ARG A 12 -1.13 1.23 -0.71
N MET A 13 -1.38 -0.04 -0.43
CA MET A 13 -2.52 -0.44 0.38
C MET A 13 -2.45 0.20 1.77
N SER A 14 -1.40 -0.12 2.51
CA SER A 14 -1.22 0.44 3.84
C SER A 14 -1.00 1.95 3.77
N ALA A 15 -0.35 2.40 2.70
CA ALA A 15 -0.08 3.82 2.51
C ALA A 15 -1.37 4.62 2.48
N TYR A 16 -2.19 4.39 1.46
CA TYR A 16 -3.46 5.08 1.32
C TYR A 16 -4.35 4.83 2.53
N ALA A 17 -4.17 3.68 3.16
CA ALA A 17 -4.95 3.31 4.34
C ALA A 17 -4.69 4.27 5.49
N ALA A 18 -3.44 4.33 5.93
CA ALA A 18 -3.06 5.21 7.03
C ALA A 18 -3.25 6.68 6.66
N LYS A 19 -2.86 7.04 5.44
CA LYS A 19 -2.99 8.41 4.97
C LYS A 19 -4.45 8.87 5.01
N ARG A 20 -5.36 7.92 4.86
CA ARG A 20 -6.79 8.22 4.89
C ARG A 20 -7.37 7.98 6.27
N GLN A 21 -6.62 8.35 7.31
CA GLN A 21 -7.06 8.16 8.68
C GLN A 21 -6.18 8.96 9.65
N ALA A 22 -5.00 8.42 9.91
CA ALA A 22 -4.05 9.07 10.82
C ALA A 22 -3.55 10.40 10.24
N SER A 23 -4.39 11.42 10.32
CA SER A 23 -4.05 12.74 9.81
C SER A 23 -3.20 13.52 10.82
#